data_6OAT
#
_entry.id   6OAT
#
_cell.length_a   55.388
_cell.length_b   55.388
_cell.length_c   497.310
_cell.angle_alpha   90.000
_cell.angle_beta   90.000
_cell.angle_gamma   120.000
#
_symmetry.space_group_name_H-M   'P 61'
#
loop_
_entity.id
_entity.type
_entity.pdbx_description
1 polymer 'RNA-dependent RNA polymerase'
2 polymer 'Interferon stimulated gene 17'
3 non-polymer prop-2-en-1-amine
#
loop_
_entity_poly.entity_id
_entity_poly.type
_entity_poly.pdbx_seq_one_letter_code
_entity_poly.pdbx_strand_id
1 'polypeptide(L)'
;MEFLNSIPWEEVVPGQFTANPGFQVTDYFEIVRQPADGNCFYHSIAELFVPNKNDFSFRLVKQHLELAARRFFEEESEAK
GLGLSLEKYLEVAMCDNEWGGSLEASMLAKHLDITIVIWVIEGPSRVAAAVKFGPGDVAGAINLLHTGYNHFDALRLLVD
DSQVSRQPRSGSHHHHHH
;
A,C
2 'polypeptide(L)'
;MGGDLKVKMLGGEEILVPLRDSMMVSELKQFIAQKINVPAFQQRLAHLDSREVLQEGVPLVHQGLKAGSTILLMVQNSSA
TLNILVRNDKGRSSSYEVQLTQTVAVLKQQVCQRERVQADQFWLSFEGKPMDDEHPLGEYGLTTGCTVFMNLRLRG
;
B,D
#
# COMPACT_ATOMS: atom_id res chain seq x y z
N GLU A 2 35.54 13.30 -6.69
CA GLU A 2 34.47 12.45 -7.17
C GLU A 2 33.23 13.27 -7.50
N PHE A 3 32.30 12.67 -8.24
CA PHE A 3 31.06 13.34 -8.56
C PHE A 3 30.10 13.40 -7.38
N LEU A 4 30.26 12.53 -6.39
CA LEU A 4 29.38 12.51 -5.24
C LEU A 4 29.80 13.49 -4.15
N ASN A 5 31.10 13.72 -3.98
CA ASN A 5 31.56 14.82 -3.13
C ASN A 5 31.42 16.16 -3.83
N SER A 6 31.23 16.17 -5.15
CA SER A 6 30.99 17.39 -5.91
C SER A 6 29.48 17.51 -6.15
N ILE A 7 28.77 17.97 -5.12
CA ILE A 7 27.32 18.13 -5.18
C ILE A 7 26.95 19.47 -4.55
N PRO A 8 26.02 20.23 -5.15
CA PRO A 8 25.52 21.44 -4.49
C PRO A 8 24.41 21.13 -3.49
N TRP A 9 24.62 21.48 -2.22
CA TRP A 9 23.64 21.23 -1.18
C TRP A 9 23.13 22.55 -0.63
N GLU A 10 21.83 22.80 -0.82
CA GLU A 10 21.21 23.94 -0.15
C GLU A 10 20.74 23.53 1.23
N GLU A 11 20.91 24.44 2.18
CA GLU A 11 20.53 24.17 3.56
C GLU A 11 19.06 24.53 3.78
N VAL A 12 18.29 23.57 4.30
CA VAL A 12 16.89 23.82 4.60
C VAL A 12 16.78 24.28 6.05
N VAL A 13 17.19 23.43 6.98
CA VAL A 13 17.30 23.76 8.40
C VAL A 13 18.65 23.22 8.87
N PRO A 14 19.14 23.69 10.04
CA PRO A 14 20.42 23.13 10.53
C PRO A 14 20.35 21.62 10.71
N GLY A 15 21.22 20.93 9.99
CA GLY A 15 21.22 19.48 9.96
C GLY A 15 20.42 18.86 8.84
N GLN A 16 20.00 19.66 7.85
CA GLN A 16 19.21 19.14 6.74
C GLN A 16 19.56 19.91 5.48
N PHE A 17 20.02 19.19 4.46
CA PHE A 17 20.32 19.76 3.15
C PHE A 17 19.46 19.08 2.10
N THR A 18 19.19 19.80 1.02
CA THR A 18 18.45 19.27 -0.11
C THR A 18 19.20 19.60 -1.40
N ALA A 19 18.98 18.74 -2.39
CA ALA A 19 19.54 18.91 -3.72
C ALA A 19 18.65 18.18 -4.72
N ASN A 20 18.88 18.45 -6.01
CA ASN A 20 18.13 17.82 -7.09
C ASN A 20 19.07 17.42 -8.21
N PRO A 21 19.85 16.35 -8.02
CA PRO A 21 20.68 15.84 -9.11
C PRO A 21 19.87 14.96 -10.05
N GLY A 22 20.05 15.18 -11.35
CA GLY A 22 19.30 14.44 -12.34
C GLY A 22 20.11 13.37 -13.04
N PHE A 23 20.06 12.14 -12.53
CA PHE A 23 20.80 11.04 -13.13
C PHE A 23 20.17 9.73 -12.65
N GLN A 24 20.78 8.62 -13.06
CA GLN A 24 20.31 7.29 -12.71
C GLN A 24 21.10 6.73 -11.54
N VAL A 25 20.40 5.95 -10.70
CA VAL A 25 21.01 5.43 -9.48
C VAL A 25 22.03 4.35 -9.80
N THR A 26 21.63 3.35 -10.60
CA THR A 26 22.46 2.18 -10.87
C THR A 26 23.79 2.54 -11.53
N ASP A 27 23.94 3.76 -12.04
CA ASP A 27 25.21 4.17 -12.64
C ASP A 27 26.33 4.19 -11.60
N TYR A 28 26.01 4.50 -10.35
CA TYR A 28 27.00 4.57 -9.28
C TYR A 28 26.71 3.62 -8.13
N PHE A 29 25.45 3.43 -7.76
CA PHE A 29 25.10 2.70 -6.55
C PHE A 29 24.73 1.24 -6.86
N GLU A 30 24.67 0.44 -5.79
CA GLU A 30 24.23 -0.95 -5.85
C GLU A 30 22.99 -1.07 -4.97
N ILE A 31 21.86 -1.40 -5.58
CA ILE A 31 20.58 -1.40 -4.90
C ILE A 31 20.38 -2.74 -4.21
N VAL A 32 20.48 -2.76 -2.88
CA VAL A 32 20.13 -3.93 -2.09
C VAL A 32 18.67 -3.78 -1.67
N ARG A 33 17.82 -4.64 -2.21
CA ARG A 33 16.39 -4.57 -1.95
C ARG A 33 16.07 -5.12 -0.56
N GLN A 34 15.04 -4.54 0.05
CA GLN A 34 14.63 -4.88 1.41
C GLN A 34 13.18 -5.33 1.42
N PRO A 35 12.78 -6.09 2.44
CA PRO A 35 11.39 -6.58 2.49
C PRO A 35 10.40 -5.45 2.74
N ALA A 36 9.16 -5.70 2.31
CA ALA A 36 8.07 -4.73 2.48
C ALA A 36 7.16 -5.11 3.63
N ASP A 37 7.75 -5.27 4.83
CA ASP A 37 7.01 -5.64 6.02
C ASP A 37 6.66 -4.44 6.89
N GLY A 38 6.81 -3.21 6.36
CA GLY A 38 6.57 -2.02 7.12
C GLY A 38 7.79 -1.44 7.80
N ASN A 39 8.88 -2.20 7.91
CA ASN A 39 10.11 -1.75 8.54
C ASN A 39 11.26 -1.67 7.54
N CYS A 40 10.97 -1.36 6.28
CA CYS A 40 12.01 -1.39 5.26
C CYS A 40 13.06 -0.31 5.50
N PHE A 41 12.67 0.82 6.11
CA PHE A 41 13.64 1.86 6.43
C PHE A 41 14.69 1.34 7.41
N TYR A 42 14.25 0.72 8.51
CA TYR A 42 15.19 0.18 9.48
C TYR A 42 15.97 -1.01 8.92
N HIS A 43 15.35 -1.79 8.01
CA HIS A 43 16.08 -2.86 7.35
C HIS A 43 17.23 -2.31 6.51
N SER A 44 16.94 -1.29 5.70
CA SER A 44 17.98 -0.70 4.85
C SER A 44 19.05 -0.01 5.67
N ILE A 45 18.69 0.50 6.86
CA ILE A 45 19.70 1.06 7.74
C ILE A 45 20.59 -0.04 8.29
N ALA A 46 19.99 -1.11 8.83
CA ALA A 46 20.75 -2.21 9.40
C ALA A 46 21.59 -2.93 8.36
N GLU A 47 21.23 -2.84 7.08
CA GLU A 47 22.05 -3.45 6.03
C GLU A 47 23.43 -2.79 5.97
N LEU A 48 23.48 -1.47 6.13
CA LEU A 48 24.73 -0.73 6.03
C LEU A 48 25.41 -0.47 7.37
N PHE A 49 24.67 -0.57 8.48
CA PHE A 49 25.16 -0.12 9.77
C PHE A 49 25.50 -1.25 10.73
N VAL A 50 25.03 -2.47 10.48
CA VAL A 50 25.17 -3.58 11.42
C VAL A 50 25.97 -4.68 10.74
N PRO A 51 26.97 -5.27 11.40
CA PRO A 51 27.70 -6.39 10.80
C PRO A 51 26.84 -7.63 10.74
N ASN A 52 26.91 -8.33 9.61
CA ASN A 52 26.15 -9.54 9.36
C ASN A 52 24.65 -9.32 9.63
N LYS A 53 24.04 -8.57 8.70
CA LYS A 53 22.66 -8.16 8.87
C LYS A 53 21.70 -9.33 8.67
N ASN A 54 20.62 -9.33 9.46
CA ASN A 54 19.54 -10.29 9.30
C ASN A 54 18.21 -9.55 9.26
N ASP A 55 17.16 -10.26 8.81
CA ASP A 55 15.84 -9.65 8.68
C ASP A 55 15.31 -9.09 9.98
N PHE A 56 15.85 -9.53 11.12
CA PHE A 56 15.45 -9.02 12.42
C PHE A 56 16.51 -8.15 13.07
N SER A 57 17.67 -7.99 12.43
CA SER A 57 18.65 -7.02 12.90
C SER A 57 18.13 -5.58 12.82
N PHE A 58 16.94 -5.37 12.24
CA PHE A 58 16.36 -4.03 12.17
C PHE A 58 15.90 -3.54 13.54
N ARG A 59 15.39 -4.46 14.37
CA ARG A 59 14.84 -4.08 15.67
C ARG A 59 15.85 -3.26 16.46
N LEU A 60 17.10 -3.73 16.49
CA LEU A 60 18.18 -3.02 17.19
C LEU A 60 18.20 -1.54 16.83
N VAL A 61 18.11 -1.23 15.53
CA VAL A 61 18.19 0.15 15.09
C VAL A 61 17.11 0.99 15.75
N LYS A 62 15.88 0.45 15.83
CA LYS A 62 14.80 1.20 16.46
C LYS A 62 15.10 1.49 17.92
N GLN A 63 15.83 0.60 18.58
CA GLN A 63 16.35 0.87 19.93
C GLN A 63 17.04 2.22 19.98
N HIS A 64 17.96 2.46 19.05
CA HIS A 64 18.67 3.74 19.03
C HIS A 64 17.69 4.90 18.93
N LEU A 65 16.64 4.74 18.13
CA LEU A 65 15.64 5.79 18.01
C LEU A 65 15.07 6.15 19.37
N GLU A 66 14.80 5.15 20.21
CA GLU A 66 14.22 5.39 21.53
C GLU A 66 15.09 6.33 22.37
N LEU A 67 16.39 6.41 22.09
CA LEU A 67 17.19 7.44 22.74
C LEU A 67 16.97 8.80 22.08
N ALA A 68 17.17 8.86 20.75
CA ALA A 68 17.09 10.14 20.05
C ALA A 68 15.71 10.77 20.18
N ALA A 69 14.67 9.96 20.34
CA ALA A 69 13.33 10.51 20.54
C ALA A 69 13.28 11.36 21.80
N ARG A 70 13.91 10.91 22.88
CA ARG A 70 13.98 11.72 24.09
C ARG A 70 15.04 12.79 24.01
N ARG A 71 15.81 12.84 22.92
CA ARG A 71 16.90 13.78 22.77
C ARG A 71 16.56 14.95 21.85
N PHE A 72 15.84 14.69 20.74
CA PHE A 72 15.60 15.74 19.75
C PHE A 72 14.16 15.88 19.29
N PHE A 73 13.24 14.97 19.66
CA PHE A 73 11.88 15.04 19.13
C PHE A 73 11.22 16.36 19.50
N GLU A 74 11.27 16.75 20.77
CA GLU A 74 10.70 18.02 21.19
C GLU A 74 11.48 19.22 20.64
N GLU A 75 12.63 18.99 19.99
CA GLU A 75 13.44 20.05 19.42
C GLU A 75 13.66 19.87 17.91
N GLU A 76 13.01 18.90 17.29
CA GLU A 76 13.19 18.65 15.87
C GLU A 76 12.27 19.56 15.05
N SER A 77 12.81 20.10 13.95
CA SER A 77 12.05 21.07 13.15
C SER A 77 10.84 20.43 12.49
N GLU A 78 10.91 19.13 12.19
CA GLU A 78 9.79 18.47 11.53
C GLU A 78 8.69 18.08 12.52
N ALA A 79 9.04 17.81 13.76
CA ALA A 79 8.06 17.38 14.75
C ALA A 79 7.07 18.48 15.12
N LYS A 80 7.44 19.74 14.94
CA LYS A 80 6.55 20.84 15.27
C LYS A 80 5.35 20.85 14.33
N GLY A 81 4.17 21.12 14.89
CA GLY A 81 2.94 21.08 14.12
C GLY A 81 2.30 19.72 14.00
N LEU A 82 2.71 18.75 14.82
CA LEU A 82 2.13 17.41 14.78
C LEU A 82 1.01 17.22 15.79
N GLY A 83 1.06 17.93 16.91
CA GLY A 83 0.05 17.76 17.94
C GLY A 83 0.16 16.45 18.70
N LEU A 84 1.37 15.89 18.76
CA LEU A 84 1.60 14.64 19.48
C LEU A 84 2.84 14.80 20.37
N SER A 85 2.73 14.33 21.61
CA SER A 85 3.84 14.40 22.54
C SER A 85 4.80 13.23 22.29
N LEU A 86 5.84 13.16 23.12
CA LEU A 86 6.83 12.08 22.97
C LEU A 86 6.22 10.71 23.21
N GLU A 87 5.26 10.61 24.13
CA GLU A 87 4.66 9.32 24.44
C GLU A 87 3.72 8.87 23.32
N LYS A 88 2.86 9.78 22.85
CA LYS A 88 2.01 9.46 21.70
C LYS A 88 2.83 9.08 20.49
N TYR A 89 4.02 9.69 20.35
CA TYR A 89 4.92 9.31 19.26
C TYR A 89 5.46 7.90 19.46
N LEU A 90 6.16 7.67 20.58
CA LEU A 90 6.85 6.40 20.79
C LEU A 90 5.89 5.22 20.93
N GLU A 91 4.62 5.45 21.26
CA GLU A 91 3.68 4.34 21.38
C GLU A 91 3.44 3.66 20.04
N VAL A 92 3.48 4.42 18.95
CA VAL A 92 3.20 3.90 17.63
C VAL A 92 4.46 3.77 16.79
N ALA A 93 5.40 4.70 16.94
CA ALA A 93 6.64 4.66 16.15
C ALA A 93 7.50 3.46 16.52
N MET A 94 7.50 3.07 17.79
CA MET A 94 8.22 1.88 18.23
C MET A 94 7.39 0.60 18.05
N CYS A 95 6.11 0.72 17.75
CA CYS A 95 5.28 -0.45 17.50
C CYS A 95 5.79 -1.16 16.24
N ASP A 96 5.73 -2.49 16.26
CA ASP A 96 6.27 -3.27 15.15
C ASP A 96 5.51 -2.97 13.86
N ASN A 97 6.22 -3.08 12.75
CA ASN A 97 5.67 -2.86 11.41
C ASN A 97 5.16 -1.43 11.25
N GLU A 98 6.01 -0.47 11.58
CA GLU A 98 5.68 0.94 11.49
C GLU A 98 6.62 1.63 10.50
N TRP A 99 6.07 2.54 9.69
CA TRP A 99 6.86 3.24 8.70
C TRP A 99 7.86 4.18 9.37
N GLY A 100 8.88 4.55 8.59
CA GLY A 100 9.90 5.47 9.06
C GLY A 100 10.38 6.38 7.94
N GLY A 101 10.59 7.67 8.25
CA GLY A 101 10.89 8.63 7.20
C GLY A 101 12.02 9.60 7.49
N SER A 102 11.81 10.87 7.15
CA SER A 102 12.87 11.87 7.33
C SER A 102 13.10 12.22 8.79
N LEU A 103 12.04 12.20 9.60
CA LEU A 103 12.18 12.53 11.02
C LEU A 103 13.10 11.55 11.72
N GLU A 104 12.85 10.25 11.54
CA GLU A 104 13.70 9.24 12.16
C GLU A 104 15.12 9.31 11.61
N ALA A 105 15.26 9.58 10.31
CA ALA A 105 16.59 9.68 9.73
C ALA A 105 17.38 10.84 10.34
N SER A 106 16.73 11.98 10.51
CA SER A 106 17.41 13.14 11.11
C SER A 106 17.77 12.88 12.57
N MET A 107 16.83 12.30 13.33
CA MET A 107 17.12 12.03 14.74
C MET A 107 18.23 11.00 14.89
N LEU A 108 18.28 10.01 13.99
CA LEU A 108 19.34 9.00 14.07
C LEU A 108 20.68 9.55 13.60
N ALA A 109 20.67 10.45 12.61
CA ALA A 109 21.92 11.07 12.18
C ALA A 109 22.50 11.96 13.27
N LYS A 110 21.64 12.72 13.96
CA LYS A 110 22.12 13.54 15.07
C LYS A 110 22.51 12.68 16.27
N HIS A 111 21.85 11.54 16.45
CA HIS A 111 22.13 10.66 17.58
C HIS A 111 23.44 9.89 17.38
N LEU A 112 23.60 9.24 16.23
CA LEU A 112 24.70 8.33 15.97
C LEU A 112 25.94 9.02 15.42
N ASP A 113 25.93 10.35 15.33
CA ASP A 113 27.06 11.11 14.78
C ASP A 113 27.42 10.62 13.38
N ILE A 114 26.40 10.37 12.57
CA ILE A 114 26.59 9.84 11.23
C ILE A 114 26.02 10.80 10.21
N THR A 115 25.70 10.29 9.01
CA THR A 115 25.12 11.11 7.95
C THR A 115 24.26 10.21 7.08
N ILE A 116 22.94 10.41 7.16
CA ILE A 116 21.97 9.63 6.40
C ILE A 116 21.57 10.43 5.16
N VAL A 117 21.68 9.80 3.99
CA VAL A 117 21.31 10.42 2.72
C VAL A 117 20.20 9.58 2.11
N ILE A 118 19.07 10.23 1.82
CA ILE A 118 17.91 9.59 1.21
C ILE A 118 17.84 10.01 -0.24
N TRP A 119 17.96 9.03 -1.15
CA TRP A 119 17.86 9.26 -2.58
C TRP A 119 16.47 8.86 -3.03
N VAL A 120 15.62 9.85 -3.28
CA VAL A 120 14.25 9.60 -3.73
C VAL A 120 14.22 9.62 -5.25
N ILE A 121 13.74 8.54 -5.85
CA ILE A 121 13.66 8.41 -7.30
C ILE A 121 12.20 8.46 -7.72
N GLU A 122 11.94 9.22 -8.78
CA GLU A 122 10.65 9.26 -9.44
C GLU A 122 10.79 8.61 -10.80
N GLY A 123 9.78 7.85 -11.21
CA GLY A 123 9.91 7.01 -12.37
C GLY A 123 10.72 5.78 -12.03
N PRO A 124 10.86 4.86 -12.99
CA PRO A 124 11.53 3.58 -12.70
C PRO A 124 12.91 3.71 -12.06
N SER A 125 13.76 4.63 -12.52
CA SER A 125 15.12 4.68 -11.99
C SER A 125 15.83 6.02 -12.18
N ARG A 126 15.11 7.13 -12.17
CA ARG A 126 15.71 8.46 -12.26
C ARG A 126 15.49 9.20 -10.95
N VAL A 127 16.57 9.79 -10.41
CA VAL A 127 16.49 10.48 -9.13
C VAL A 127 15.73 11.79 -9.30
N ALA A 128 14.74 12.01 -8.44
CA ALA A 128 13.98 13.25 -8.46
C ALA A 128 14.60 14.29 -7.53
N ALA A 129 14.94 13.89 -6.31
CA ALA A 129 15.50 14.80 -5.33
C ALA A 129 16.46 14.01 -4.42
N ALA A 130 17.05 14.72 -3.48
CA ALA A 130 17.95 14.10 -2.51
C ALA A 130 17.93 14.93 -1.23
N VAL A 131 17.74 14.26 -0.10
CA VAL A 131 17.70 14.88 1.21
C VAL A 131 18.80 14.27 2.06
N LYS A 132 19.56 15.11 2.76
CA LYS A 132 20.75 14.69 3.48
C LYS A 132 20.69 15.24 4.90
N PHE A 133 20.66 14.34 5.88
CA PHE A 133 20.65 14.71 7.30
C PHE A 133 22.03 14.39 7.87
N GLY A 134 22.82 15.44 8.11
CA GLY A 134 24.18 15.28 8.57
C GLY A 134 25.15 16.10 7.75
N PRO A 135 26.38 16.24 8.24
CA PRO A 135 27.37 17.05 7.51
C PRO A 135 28.45 16.21 6.83
N GLY A 136 28.36 14.89 6.94
CA GLY A 136 29.44 14.02 6.53
C GLY A 136 29.54 13.82 5.03
N ASP A 137 30.55 13.03 4.65
CA ASP A 137 30.78 12.71 3.25
C ASP A 137 29.69 11.79 2.72
N VAL A 138 29.44 11.87 1.42
CA VAL A 138 28.45 11.01 0.79
C VAL A 138 29.00 9.62 0.56
N ALA A 139 30.30 9.50 0.25
CA ALA A 139 30.90 8.19 0.05
C ALA A 139 30.87 7.37 1.34
N GLY A 140 31.12 8.00 2.47
CA GLY A 140 31.07 7.35 3.77
C GLY A 140 29.72 7.44 4.46
N ALA A 141 28.68 7.85 3.76
CA ALA A 141 27.36 7.99 4.33
C ALA A 141 26.56 6.70 4.18
N ILE A 142 25.50 6.59 4.98
CA ILE A 142 24.55 5.49 4.87
C ILE A 142 23.50 5.91 3.85
N ASN A 143 23.63 5.39 2.62
CA ASN A 143 22.83 5.85 1.50
C ASN A 143 21.58 4.99 1.35
N LEU A 144 20.42 5.65 1.33
CA LEU A 144 19.14 4.99 1.20
C LEU A 144 18.49 5.34 -0.13
N LEU A 145 17.56 4.48 -0.56
CA LEU A 145 16.85 4.66 -1.81
C LEU A 145 15.36 4.61 -1.54
N HIS A 146 14.65 5.65 -1.95
CA HIS A 146 13.23 5.82 -1.65
C HIS A 146 12.41 5.49 -2.90
N THR A 147 12.42 4.21 -3.28
CA THR A 147 11.65 3.77 -4.44
C THR A 147 10.15 3.98 -4.19
N GLY A 148 9.46 4.47 -5.22
CA GLY A 148 8.10 4.89 -5.02
C GLY A 148 8.02 5.99 -3.97
N TYR A 149 6.91 6.02 -3.24
CA TYR A 149 6.76 6.90 -2.09
C TYR A 149 6.39 6.11 -0.85
N ASN A 150 6.82 4.84 -0.80
CA ASN A 150 6.44 3.98 0.33
C ASN A 150 7.44 2.85 0.56
N HIS A 151 8.70 2.96 0.15
CA HIS A 151 9.65 1.89 0.33
C HIS A 151 11.05 2.45 0.50
N PHE A 152 11.94 1.63 1.06
CA PHE A 152 13.33 2.00 1.30
C PHE A 152 14.22 0.81 1.04
N ASP A 153 15.31 1.03 0.30
CA ASP A 153 16.32 0.02 0.04
C ASP A 153 17.70 0.59 0.35
N ALA A 154 18.69 -0.28 0.45
CA ALA A 154 20.05 0.16 0.75
C ALA A 154 20.80 0.45 -0.54
N LEU A 155 21.74 1.39 -0.47
CA LEU A 155 22.54 1.78 -1.64
C LEU A 155 24.01 1.60 -1.29
N ARG A 156 24.57 0.45 -1.66
CA ARG A 156 25.99 0.22 -1.47
C ARG A 156 26.80 1.06 -2.46
N LEU A 157 27.90 1.63 -1.98
CA LEU A 157 28.74 2.45 -2.83
C LEU A 157 29.72 1.57 -3.60
N LEU A 158 29.95 1.92 -4.87
CA LEU A 158 30.75 1.09 -5.76
C LEU A 158 32.21 1.50 -5.75
N VAL A 159 33.08 0.53 -6.03
CA VAL A 159 34.51 0.79 -6.12
C VAL A 159 34.92 1.07 -7.56
N GLY B 2 17.76 59.75 26.98
CA GLY B 2 17.12 59.41 25.72
C GLY B 2 16.14 60.47 25.23
N GLY B 3 14.95 60.48 25.81
CA GLY B 3 13.91 61.42 25.45
C GLY B 3 12.69 60.72 24.87
N ASP B 4 11.98 61.42 24.00
CA ASP B 4 10.81 60.89 23.33
C ASP B 4 10.94 61.10 21.83
N LEU B 5 10.99 60.00 21.08
CA LEU B 5 10.99 60.05 19.63
C LEU B 5 9.58 60.30 19.11
N LYS B 6 9.51 60.91 17.94
CA LYS B 6 8.24 61.27 17.31
C LYS B 6 8.07 60.45 16.04
N VAL B 7 6.97 59.72 15.95
CA VAL B 7 6.61 59.02 14.72
C VAL B 7 5.49 59.79 14.05
N LYS B 8 5.56 59.90 12.73
CA LYS B 8 4.60 60.63 11.92
C LYS B 8 3.88 59.60 11.06
N MET B 9 2.61 59.38 11.35
CA MET B 9 1.82 58.39 10.64
C MET B 9 0.98 59.08 9.56
N LEU B 10 0.97 58.47 8.37
CA LEU B 10 0.25 58.95 7.18
C LEU B 10 0.45 60.45 6.91
N GLY B 11 1.48 61.06 7.50
CA GLY B 11 1.72 62.47 7.30
C GLY B 11 0.61 63.36 7.80
N GLY B 12 -0.14 62.90 8.80
CA GLY B 12 -1.27 63.66 9.31
C GLY B 12 -1.55 63.42 10.79
N GLU B 13 -0.60 62.82 11.49
CA GLU B 13 -0.70 62.63 12.94
C GLU B 13 0.68 62.27 13.48
N GLU B 14 0.91 62.63 14.74
CA GLU B 14 2.16 62.37 15.44
C GLU B 14 1.90 61.56 16.69
N ILE B 15 2.73 60.55 16.92
CA ILE B 15 2.67 59.72 18.13
C ILE B 15 4.03 59.75 18.80
N LEU B 16 4.03 59.89 20.12
CA LEU B 16 5.25 59.95 20.90
C LEU B 16 5.61 58.56 21.43
N VAL B 17 6.91 58.29 21.50
CA VAL B 17 7.39 56.99 21.97
C VAL B 17 8.63 57.20 22.82
N PRO B 18 8.81 56.47 23.93
CA PRO B 18 10.05 56.61 24.71
C PRO B 18 11.28 56.27 23.88
N LEU B 19 12.36 56.99 24.15
CA LEU B 19 13.63 56.82 23.43
C LEU B 19 14.61 56.11 24.35
N ARG B 20 14.52 54.78 24.39
CA ARG B 20 15.52 53.98 25.07
C ARG B 20 16.80 54.01 24.26
N ASP B 21 17.85 54.62 24.80
CA ASP B 21 19.09 54.80 24.05
C ASP B 21 19.69 53.45 23.68
N SER B 22 20.06 53.30 22.41
CA SER B 22 20.68 52.09 21.88
C SER B 22 19.73 50.89 21.99
N MET B 23 18.52 51.05 21.46
CA MET B 23 17.55 49.98 21.38
C MET B 23 17.19 49.71 19.92
N MET B 24 16.63 48.54 19.68
CA MET B 24 16.43 48.03 18.33
C MET B 24 15.11 48.50 17.73
N VAL B 25 14.99 48.31 16.42
CA VAL B 25 13.78 48.70 15.70
C VAL B 25 12.64 47.70 15.87
N SER B 26 12.96 46.45 16.21
CA SER B 26 11.92 45.47 16.47
C SER B 26 11.06 45.88 17.66
N GLU B 27 11.70 46.37 18.72
CA GLU B 27 10.93 46.84 19.87
C GLU B 27 10.17 48.11 19.56
N LEU B 28 10.68 48.94 18.66
CA LEU B 28 9.93 50.12 18.21
C LEU B 28 8.65 49.70 17.50
N LYS B 29 8.76 48.77 16.55
CA LYS B 29 7.58 48.28 15.86
C LYS B 29 6.62 47.56 16.80
N GLN B 30 7.15 46.84 17.80
CA GLN B 30 6.28 46.17 18.76
C GLN B 30 5.56 47.16 19.67
N PHE B 31 6.25 48.23 20.05
CA PHE B 31 5.61 49.30 20.83
C PHE B 31 4.46 49.91 20.04
N ILE B 32 4.71 50.29 18.79
CA ILE B 32 3.65 50.86 17.96
C ILE B 32 2.54 49.84 17.75
N ALA B 33 2.90 48.55 17.64
CA ALA B 33 1.91 47.50 17.45
C ALA B 33 0.96 47.42 18.63
N GLN B 34 1.51 47.28 19.84
CA GLN B 34 0.66 47.22 21.02
C GLN B 34 -0.05 48.54 21.28
N LYS B 35 0.41 49.64 20.68
CA LYS B 35 -0.25 50.92 20.89
C LYS B 35 -1.42 51.17 19.93
N ILE B 36 -1.33 50.71 18.67
CA ILE B 36 -2.41 50.97 17.73
C ILE B 36 -3.02 49.69 17.17
N ASN B 37 -2.70 48.54 17.76
CA ASN B 37 -3.31 47.25 17.41
C ASN B 37 -3.19 46.97 15.91
N VAL B 38 -1.95 47.04 15.41
CA VAL B 38 -1.65 46.59 14.06
C VAL B 38 -0.43 45.67 14.15
N PRO B 39 -0.35 44.64 13.32
CA PRO B 39 0.80 43.72 13.41
C PRO B 39 2.10 44.44 13.09
N ALA B 40 3.21 43.84 13.56
CA ALA B 40 4.52 44.44 13.34
C ALA B 40 4.95 44.31 11.88
N PHE B 41 4.62 43.18 11.23
CA PHE B 41 5.00 42.99 9.85
C PHE B 41 4.21 43.89 8.89
N GLN B 42 3.16 44.54 9.36
CA GLN B 42 2.37 45.47 8.55
C GLN B 42 2.77 46.92 8.75
N GLN B 43 3.97 47.16 9.29
CA GLN B 43 4.48 48.51 9.49
C GLN B 43 5.77 48.69 8.70
N ARG B 44 5.94 49.89 8.14
CA ARG B 44 7.16 50.24 7.43
C ARG B 44 7.61 51.63 7.88
N LEU B 45 8.77 51.69 8.51
CA LEU B 45 9.31 52.92 9.04
C LEU B 45 10.43 53.45 8.15
N ALA B 46 10.46 54.76 7.97
CA ALA B 46 11.43 55.38 7.07
C ALA B 46 11.84 56.75 7.59
N HIS B 47 12.91 57.28 7.01
CA HIS B 47 13.44 58.58 7.41
C HIS B 47 12.63 59.70 6.77
N LEU B 48 12.97 60.93 7.15
CA LEU B 48 12.22 62.11 6.71
C LEU B 48 12.58 62.52 5.29
N ASP B 49 13.85 62.82 5.05
CA ASP B 49 14.26 63.47 3.82
C ASP B 49 15.28 62.69 3.00
N SER B 50 16.00 61.74 3.61
CA SER B 50 16.95 60.93 2.86
C SER B 50 16.27 59.80 2.09
N ARG B 51 15.03 59.46 2.43
CA ARG B 51 14.25 58.41 1.76
C ARG B 51 14.95 57.06 1.81
N GLU B 52 15.89 56.87 2.73
CA GLU B 52 16.67 55.65 2.81
C GLU B 52 15.96 54.61 3.69
N VAL B 53 16.36 53.34 3.51
CA VAL B 53 15.76 52.25 4.26
C VAL B 53 16.29 52.28 5.69
N LEU B 54 15.38 52.16 6.65
CA LEU B 54 15.78 52.09 8.05
C LEU B 54 16.32 50.68 8.31
N GLN B 55 17.63 50.55 8.48
CA GLN B 55 18.24 49.22 8.55
C GLN B 55 17.75 48.46 9.78
N GLU B 56 17.63 47.15 9.64
CA GLU B 56 17.16 46.28 10.70
C GLU B 56 18.32 45.58 11.38
N GLY B 57 18.19 45.37 12.69
CA GLY B 57 19.26 44.76 13.47
C GLY B 57 20.33 45.72 13.93
N VAL B 58 20.26 46.98 13.53
CA VAL B 58 21.21 48.01 13.95
C VAL B 58 20.51 48.93 14.93
N PRO B 59 21.14 49.29 16.05
CA PRO B 59 20.56 50.34 16.90
C PRO B 59 20.54 51.66 16.15
N LEU B 60 19.38 52.32 16.17
CA LEU B 60 19.24 53.62 15.53
C LEU B 60 19.96 54.65 16.40
N VAL B 61 21.30 54.63 16.31
CA VAL B 61 22.16 55.56 17.04
C VAL B 61 23.16 56.19 16.06
N HIS B 62 24.10 55.38 15.54
CA HIS B 62 24.93 55.82 14.43
C HIS B 62 24.11 56.06 13.18
N GLN B 63 22.89 55.54 13.16
CA GLN B 63 21.98 55.83 12.07
C GLN B 63 21.54 57.27 12.09
N GLY B 64 21.72 57.96 13.23
CA GLY B 64 21.52 59.39 13.31
C GLY B 64 20.16 59.79 13.85
N LEU B 65 19.74 59.17 14.94
CA LEU B 65 18.40 59.39 15.48
C LEU B 65 18.47 59.77 16.96
N LYS B 66 17.67 60.77 17.33
CA LYS B 66 17.55 61.25 18.69
C LYS B 66 16.15 61.86 18.83
N ALA B 67 15.72 62.02 20.08
CA ALA B 67 14.45 62.66 20.37
C ALA B 67 14.38 64.04 19.73
N GLY B 68 13.18 64.45 19.35
CA GLY B 68 12.97 65.64 18.55
C GLY B 68 13.02 65.39 17.06
N SER B 69 13.67 64.31 16.62
CA SER B 69 13.61 63.88 15.23
C SER B 69 12.46 62.89 15.06
N THR B 70 11.77 62.99 13.93
CA THR B 70 10.64 62.12 13.66
C THR B 70 11.02 61.05 12.65
N ILE B 71 10.13 60.07 12.49
CA ILE B 71 10.25 59.03 11.47
C ILE B 71 8.87 58.74 10.90
N LEU B 72 8.80 58.52 9.58
CA LEU B 72 7.53 58.29 8.92
C LEU B 72 7.12 56.82 9.03
N LEU B 73 5.83 56.58 9.27
CA LEU B 73 5.28 55.24 9.44
C LEU B 73 4.20 54.96 8.41
N MET B 74 4.25 53.77 7.80
CA MET B 74 3.29 53.36 6.78
C MET B 74 2.64 52.03 7.19
N VAL B 75 1.30 52.00 7.15
CA VAL B 75 0.50 50.81 7.41
C VAL B 75 0.01 50.25 6.07
N GLN B 76 -0.21 48.93 6.02
CA GLN B 76 -0.30 48.25 4.72
C GLN B 76 -1.52 47.34 4.55
N ASN B 77 -2.48 47.33 5.46
CA ASN B 77 -3.60 46.38 5.32
C ASN B 77 -4.69 47.00 4.46
N SER B 78 -4.64 46.70 3.17
CA SER B 78 -5.76 47.03 2.28
C SER B 78 -6.97 46.11 2.51
N SER B 79 -6.79 44.78 2.62
CA SER B 79 -5.54 44.02 2.73
C SER B 79 -4.76 43.88 1.44
N ALA B 80 -3.47 44.20 1.52
CA ALA B 80 -2.59 44.08 0.37
C ALA B 80 -2.30 42.61 0.08
N THR B 81 -1.63 42.37 -1.04
CA THR B 81 -1.16 41.05 -1.41
C THR B 81 0.30 41.15 -1.86
N LEU B 82 0.95 39.99 -1.93
CA LEU B 82 2.29 39.87 -2.49
C LEU B 82 2.40 38.47 -3.08
N ASN B 83 3.59 38.10 -3.54
CA ASN B 83 3.77 36.74 -4.00
C ASN B 83 5.20 36.29 -3.71
N ILE B 84 5.33 35.02 -3.38
CA ILE B 84 6.59 34.40 -3.05
C ILE B 84 6.82 33.25 -4.01
N LEU B 85 8.06 32.78 -4.05
CA LEU B 85 8.40 31.55 -4.74
C LEU B 85 8.46 30.43 -3.71
N VAL B 86 7.71 29.36 -3.96
CA VAL B 86 7.71 28.18 -3.10
C VAL B 86 8.32 27.03 -3.89
N ARG B 87 9.37 26.45 -3.33
CA ARG B 87 10.08 25.39 -4.03
C ARG B 87 9.53 24.03 -3.65
N ASN B 88 9.13 23.26 -4.67
CA ASN B 88 8.81 21.86 -4.51
C ASN B 88 10.05 21.09 -4.05
N ASP B 89 9.84 19.84 -3.65
CA ASP B 89 10.96 18.98 -3.32
C ASP B 89 11.77 18.61 -4.56
N LYS B 90 11.18 18.70 -5.75
CA LYS B 90 11.92 18.49 -6.99
C LYS B 90 12.72 19.72 -7.41
N GLY B 91 12.33 20.90 -6.94
CA GLY B 91 13.03 22.13 -7.25
C GLY B 91 12.25 23.12 -8.09
N ARG B 92 11.10 22.73 -8.64
CA ARG B 92 10.32 23.62 -9.51
C ARG B 92 9.50 24.57 -8.63
N SER B 93 10.15 25.66 -8.23
CA SER B 93 9.53 26.66 -7.36
C SER B 93 8.47 27.43 -8.13
N SER B 94 7.21 27.24 -7.78
CA SER B 94 6.12 27.99 -8.37
C SER B 94 5.93 29.33 -7.64
N SER B 95 5.06 30.16 -8.19
CA SER B 95 4.79 31.49 -7.65
C SER B 95 3.41 31.48 -7.02
N TYR B 96 3.34 31.87 -5.74
CA TYR B 96 2.10 31.90 -4.98
C TYR B 96 1.89 33.30 -4.45
N GLU B 97 0.75 33.91 -4.79
CA GLU B 97 0.42 35.21 -4.21
C GLU B 97 -0.44 35.00 -2.96
N VAL B 98 0.00 35.59 -1.86
CA VAL B 98 -0.64 35.45 -0.56
C VAL B 98 -0.70 36.81 0.12
N GLN B 99 -1.11 36.80 1.39
CA GLN B 99 -1.14 37.99 2.22
C GLN B 99 -0.63 37.63 3.61
N LEU B 100 0.03 38.60 4.25
CA LEU B 100 0.61 38.34 5.57
C LEU B 100 -0.45 38.18 6.65
N THR B 101 -1.67 38.64 6.41
CA THR B 101 -2.71 38.56 7.42
C THR B 101 -3.23 37.13 7.59
N GLN B 102 -3.39 36.41 6.49
CA GLN B 102 -3.94 35.06 6.54
C GLN B 102 -2.95 34.09 7.18
N THR B 103 -3.47 32.93 7.58
CA THR B 103 -2.69 31.93 8.29
C THR B 103 -1.83 31.12 7.33
N VAL B 104 -0.90 30.35 7.90
CA VAL B 104 -0.06 29.46 7.11
C VAL B 104 -0.82 28.24 6.63
N ALA B 105 -1.93 27.88 7.29
CA ALA B 105 -2.74 26.76 6.81
C ALA B 105 -3.31 27.04 5.42
N VAL B 106 -3.64 28.31 5.13
CA VAL B 106 -4.13 28.67 3.80
C VAL B 106 -3.05 28.41 2.76
N LEU B 107 -1.81 28.85 3.05
CA LEU B 107 -0.71 28.61 2.12
C LEU B 107 -0.44 27.12 1.96
N LYS B 108 -0.60 26.34 3.04
CA LYS B 108 -0.39 24.90 2.94
C LYS B 108 -1.44 24.25 2.04
N GLN B 109 -2.72 24.64 2.20
CA GLN B 109 -3.75 24.10 1.32
C GLN B 109 -3.56 24.55 -0.12
N GLN B 110 -3.02 25.75 -0.32
CA GLN B 110 -2.71 26.22 -1.67
C GLN B 110 -1.62 25.37 -2.31
N VAL B 111 -0.55 25.09 -1.55
CA VAL B 111 0.51 24.22 -2.04
C VAL B 111 -0.04 22.81 -2.30
N CYS B 112 -0.99 22.36 -1.48
CA CYS B 112 -1.62 21.06 -1.71
C CYS B 112 -2.35 21.04 -3.05
N GLN B 113 -3.24 22.01 -3.27
CA GLN B 113 -4.03 22.02 -4.50
C GLN B 113 -3.15 22.22 -5.73
N ARG B 114 -1.99 22.88 -5.57
CA ARG B 114 -1.12 23.05 -6.73
C ARG B 114 -0.21 21.85 -6.97
N GLU B 115 0.11 21.09 -5.93
CA GLU B 115 0.95 19.91 -6.06
C GLU B 115 0.16 18.61 -6.08
N ARG B 116 -1.16 18.66 -5.89
CA ARG B 116 -2.03 17.49 -5.85
C ARG B 116 -1.59 16.48 -4.79
N VAL B 117 -0.84 16.92 -3.79
CA VAL B 117 -0.36 16.05 -2.71
C VAL B 117 -1.16 16.37 -1.45
N GLN B 118 -1.18 15.40 -0.54
CA GLN B 118 -1.93 15.55 0.70
C GLN B 118 -1.31 16.64 1.57
N ALA B 119 -2.03 17.00 2.62
CA ALA B 119 -1.61 18.08 3.51
C ALA B 119 -0.68 17.59 4.62
N ASP B 120 -0.98 16.43 5.21
CA ASP B 120 -0.17 15.88 6.29
C ASP B 120 1.22 15.44 5.85
N GLN B 121 1.54 15.53 4.56
CA GLN B 121 2.76 14.93 4.03
C GLN B 121 3.84 15.96 3.70
N PHE B 122 3.69 17.20 4.15
CA PHE B 122 4.73 18.20 3.89
C PHE B 122 4.61 19.33 4.90
N TRP B 123 5.68 20.12 4.98
CA TRP B 123 5.73 21.28 5.85
C TRP B 123 6.60 22.36 5.20
N LEU B 124 6.31 23.61 5.52
CA LEU B 124 6.97 24.76 4.93
C LEU B 124 8.09 25.26 5.83
N SER B 125 9.14 25.79 5.19
CA SER B 125 10.28 26.33 5.91
C SER B 125 10.77 27.60 5.23
N PHE B 126 11.36 28.49 6.02
CA PHE B 126 11.91 29.73 5.50
C PHE B 126 13.10 30.16 6.35
N GLU B 127 14.28 30.24 5.73
CA GLU B 127 15.49 30.75 6.36
C GLU B 127 15.85 29.96 7.63
N GLY B 128 15.97 28.65 7.46
CA GLY B 128 16.47 27.80 8.53
C GLY B 128 15.55 27.65 9.72
N LYS B 129 14.23 27.78 9.53
CA LYS B 129 13.31 27.58 10.65
C LYS B 129 11.98 27.12 10.10
N PRO B 130 11.30 26.19 10.78
CA PRO B 130 10.01 25.72 10.30
C PRO B 130 8.89 26.71 10.62
N MET B 131 7.91 26.76 9.71
CA MET B 131 6.78 27.65 9.84
C MET B 131 5.62 26.94 10.53
N ASP B 132 5.06 27.58 11.56
CA ASP B 132 3.93 27.01 12.29
C ASP B 132 2.63 27.27 11.55
N ASP B 133 1.70 26.31 11.66
CA ASP B 133 0.45 26.41 10.91
C ASP B 133 -0.44 27.51 11.47
N GLU B 134 -0.61 27.56 12.79
CA GLU B 134 -1.57 28.47 13.39
C GLU B 134 -1.14 29.94 13.34
N HIS B 135 0.16 30.20 13.19
CA HIS B 135 0.66 31.56 13.26
C HIS B 135 0.50 32.27 11.91
N PRO B 136 0.45 33.61 11.92
CA PRO B 136 0.36 34.35 10.66
C PRO B 136 1.64 34.25 9.85
N LEU B 137 1.54 34.63 8.58
CA LEU B 137 2.67 34.51 7.67
C LEU B 137 3.70 35.62 7.87
N GLY B 138 3.24 36.86 8.03
CA GLY B 138 4.15 37.98 8.18
C GLY B 138 5.12 37.86 9.34
N GLU B 139 4.80 37.02 10.33
CA GLU B 139 5.71 36.80 11.45
C GLU B 139 7.02 36.14 11.03
N TYR B 140 7.13 35.65 9.80
CA TYR B 140 8.33 34.99 9.33
C TYR B 140 9.19 35.87 8.44
N GLY B 141 8.82 37.13 8.26
CA GLY B 141 9.61 38.06 7.46
C GLY B 141 9.63 37.72 5.99
N LEU B 142 8.46 37.73 5.35
CA LEU B 142 8.34 37.37 3.95
C LEU B 142 8.44 38.61 3.06
N THR B 143 8.78 38.37 1.80
CA THR B 143 8.93 39.43 0.81
C THR B 143 8.78 38.82 -0.57
N THR B 144 8.64 39.69 -1.57
CA THR B 144 8.46 39.23 -2.95
C THR B 144 9.72 38.53 -3.44
N GLY B 145 9.57 37.30 -3.89
CA GLY B 145 10.68 36.53 -4.40
C GLY B 145 11.38 35.64 -3.39
N CYS B 146 10.98 35.68 -2.13
CA CYS B 146 11.61 34.83 -1.12
C CYS B 146 11.22 33.37 -1.36
N THR B 147 12.21 32.48 -1.26
CA THR B 147 12.03 31.08 -1.60
C THR B 147 11.67 30.30 -0.35
N VAL B 148 10.38 30.06 -0.16
CA VAL B 148 9.90 29.20 0.92
C VAL B 148 10.00 27.75 0.46
N PHE B 149 10.66 26.92 1.25
CA PHE B 149 10.89 25.52 0.89
C PHE B 149 9.70 24.66 1.32
N MET B 150 9.35 23.69 0.48
CA MET B 150 8.39 22.67 0.81
C MET B 150 9.14 21.36 1.05
N ASN B 151 9.07 20.84 2.27
CA ASN B 151 9.77 19.63 2.64
C ASN B 151 8.76 18.52 2.89
N LEU B 152 8.93 17.40 2.21
CA LEU B 152 8.05 16.26 2.40
C LEU B 152 8.39 15.52 3.69
N ARG B 153 7.40 14.83 4.23
CA ARG B 153 7.64 13.98 5.39
C ARG B 153 8.53 12.79 5.05
N LEU B 154 8.58 12.39 3.77
CA LEU B 154 9.42 11.28 3.31
C LEU B 154 9.14 9.99 4.08
N ARG B 155 7.92 9.85 4.58
CA ARG B 155 7.54 8.67 5.34
C ARG B 155 7.34 7.49 4.39
N GLY B 156 8.15 6.45 4.55
CA GLY B 156 8.08 5.29 3.69
C GLY B 156 8.36 3.98 4.40
N GLU C 2 12.07 -37.15 2.29
CA GLU C 2 12.24 -35.72 2.05
C GLU C 2 10.97 -34.95 2.41
N PHE C 3 11.12 -33.92 3.24
CA PHE C 3 9.97 -33.12 3.64
C PHE C 3 9.39 -32.32 2.49
N LEU C 4 10.20 -32.01 1.47
CA LEU C 4 9.68 -31.29 0.30
C LEU C 4 8.72 -32.17 -0.50
N ASN C 5 9.06 -33.45 -0.66
CA ASN C 5 8.18 -34.37 -1.38
C ASN C 5 7.09 -34.95 -0.50
N SER C 6 7.22 -34.84 0.83
CA SER C 6 6.20 -35.33 1.74
C SER C 6 5.03 -34.36 1.90
N ILE C 7 5.02 -33.27 1.16
CA ILE C 7 3.95 -32.27 1.26
C ILE C 7 2.68 -32.85 0.65
N PRO C 8 1.57 -32.87 1.38
CA PRO C 8 0.30 -33.29 0.80
C PRO C 8 -0.35 -32.17 0.01
N TRP C 9 -1.18 -32.58 -0.95
CA TRP C 9 -1.88 -31.63 -1.81
C TRP C 9 -3.30 -32.11 -2.03
N GLU C 10 -4.21 -31.16 -2.26
CA GLU C 10 -5.57 -31.46 -2.63
C GLU C 10 -5.91 -30.71 -3.91
N GLU C 11 -6.42 -31.43 -4.91
CA GLU C 11 -6.71 -30.85 -6.21
C GLU C 11 -7.99 -30.03 -6.11
N VAL C 12 -7.86 -28.70 -6.19
CA VAL C 12 -9.03 -27.84 -6.24
C VAL C 12 -9.70 -27.94 -7.60
N VAL C 13 -8.97 -27.55 -8.64
CA VAL C 13 -9.36 -27.74 -10.04
C VAL C 13 -8.16 -28.27 -10.80
N PRO C 14 -8.39 -28.83 -12.00
CA PRO C 14 -7.26 -29.30 -12.82
C PRO C 14 -6.18 -28.24 -12.98
N GLY C 15 -4.99 -28.54 -12.50
CA GLY C 15 -3.90 -27.59 -12.54
C GLY C 15 -3.80 -26.66 -11.36
N GLN C 16 -4.49 -26.97 -10.26
CA GLN C 16 -4.41 -26.16 -9.04
C GLN C 16 -4.46 -27.08 -7.83
N PHE C 17 -3.37 -27.09 -7.06
CA PHE C 17 -3.25 -27.93 -5.89
C PHE C 17 -3.08 -27.05 -4.65
N THR C 18 -3.72 -27.43 -3.56
CA THR C 18 -3.62 -26.74 -2.28
C THR C 18 -2.79 -27.57 -1.31
N ALA C 19 -1.71 -26.99 -0.81
CA ALA C 19 -0.94 -27.56 0.29
C ALA C 19 -1.16 -26.71 1.53
N ASN C 20 -1.26 -27.36 2.68
CA ASN C 20 -1.45 -26.56 3.89
C ASN C 20 -0.43 -26.90 4.97
N PRO C 21 0.87 -26.94 4.68
CA PRO C 21 1.83 -27.14 5.77
C PRO C 21 2.08 -25.83 6.47
N GLY C 22 2.50 -25.93 7.73
CA GLY C 22 2.82 -24.74 8.48
C GLY C 22 4.19 -24.87 9.13
N PHE C 23 5.13 -24.06 8.69
CA PHE C 23 6.52 -24.23 9.13
C PHE C 23 7.31 -22.98 8.77
N GLN C 24 8.54 -22.93 9.30
CA GLN C 24 9.42 -21.77 9.23
C GLN C 24 10.13 -21.73 7.87
N VAL C 25 9.73 -20.79 7.00
CA VAL C 25 10.20 -20.75 5.62
C VAL C 25 11.73 -20.78 5.55
N THR C 26 12.39 -19.97 6.38
CA THR C 26 13.83 -19.78 6.31
C THR C 26 14.63 -21.04 6.62
N ASP C 27 13.98 -22.18 6.88
CA ASP C 27 14.71 -23.41 7.14
C ASP C 27 15.22 -24.07 5.86
N TYR C 28 14.50 -23.91 4.74
CA TYR C 28 14.89 -24.57 3.50
C TYR C 28 14.94 -23.62 2.31
N PHE C 29 14.84 -22.31 2.53
CA PHE C 29 14.84 -21.36 1.42
C PHE C 29 15.75 -20.18 1.72
N GLU C 30 16.27 -19.59 0.65
CA GLU C 30 16.91 -18.27 0.67
C GLU C 30 15.96 -17.29 0.01
N ILE C 31 15.49 -16.31 0.77
CA ILE C 31 14.57 -15.32 0.24
C ILE C 31 15.37 -14.29 -0.54
N VAL C 32 14.96 -14.06 -1.79
CA VAL C 32 15.49 -12.98 -2.60
C VAL C 32 14.39 -11.92 -2.69
N ARG C 33 14.62 -10.79 -2.03
CA ARG C 33 13.63 -9.72 -2.02
C ARG C 33 13.54 -9.08 -3.41
N GLN C 34 12.35 -8.61 -3.74
CA GLN C 34 12.09 -7.99 -5.03
C GLN C 34 11.54 -6.59 -4.83
N PRO C 35 11.73 -5.70 -5.81
CA PRO C 35 11.33 -4.30 -5.62
C PRO C 35 9.82 -4.12 -5.58
N ALA C 36 9.39 -3.07 -4.87
CA ALA C 36 7.97 -2.72 -4.77
C ALA C 36 7.60 -1.82 -5.95
N ASP C 37 7.55 -2.45 -7.13
CA ASP C 37 7.20 -1.78 -8.36
C ASP C 37 5.75 -2.02 -8.78
N GLY C 38 5.06 -2.96 -8.16
CA GLY C 38 3.82 -3.49 -8.69
C GLY C 38 4.01 -4.64 -9.65
N ASN C 39 5.25 -4.95 -10.01
CA ASN C 39 5.58 -6.09 -10.87
C ASN C 39 6.43 -7.11 -10.12
N CYS C 40 6.24 -7.20 -8.80
CA CYS C 40 7.07 -8.08 -7.99
C CYS C 40 6.83 -9.56 -8.33
N PHE C 41 5.63 -9.91 -8.79
CA PHE C 41 5.39 -11.26 -9.28
C PHE C 41 6.34 -11.60 -10.42
N TYR C 42 6.36 -10.77 -11.46
CA TYR C 42 7.21 -11.04 -12.61
C TYR C 42 8.69 -10.90 -12.27
N HIS C 43 9.02 -10.04 -11.31
CA HIS C 43 10.41 -9.98 -10.83
C HIS C 43 10.83 -11.29 -10.19
N SER C 44 9.97 -11.84 -9.33
CA SER C 44 10.27 -13.12 -8.69
C SER C 44 10.36 -14.24 -9.71
N ILE C 45 9.53 -14.19 -10.77
CA ILE C 45 9.63 -15.19 -11.82
C ILE C 45 10.96 -15.06 -12.57
N ALA C 46 11.35 -13.83 -12.91
CA ALA C 46 12.59 -13.62 -13.65
C ALA C 46 13.82 -13.96 -12.81
N GLU C 47 13.71 -13.88 -11.48
CA GLU C 47 14.85 -14.26 -10.64
C GLU C 47 15.27 -15.70 -10.88
N LEU C 48 14.29 -16.59 -11.06
CA LEU C 48 14.57 -18.01 -11.24
C LEU C 48 14.52 -18.47 -12.69
N PHE C 49 13.98 -17.67 -13.60
CA PHE C 49 13.82 -18.09 -14.99
C PHE C 49 14.93 -17.57 -15.91
N VAL C 50 15.20 -16.28 -15.87
CA VAL C 50 16.12 -15.64 -16.81
C VAL C 50 17.57 -15.96 -16.43
N PRO C 51 18.43 -16.29 -17.40
CA PRO C 51 19.84 -16.56 -17.07
C PRO C 51 20.56 -15.37 -16.45
N ASN C 52 20.36 -14.17 -16.98
CA ASN C 52 20.94 -12.94 -16.44
C ASN C 52 19.78 -12.00 -16.10
N LYS C 53 19.20 -12.19 -14.92
CA LYS C 53 18.03 -11.42 -14.52
C LYS C 53 18.40 -9.96 -14.29
N ASN C 54 17.49 -9.07 -14.67
CA ASN C 54 17.63 -7.64 -14.44
C ASN C 54 16.40 -7.11 -13.73
N ASP C 55 16.51 -5.90 -13.18
CA ASP C 55 15.34 -5.20 -12.68
C ASP C 55 14.40 -4.76 -13.79
N PHE C 56 14.80 -4.96 -15.05
CA PHE C 56 13.96 -4.62 -16.21
C PHE C 56 13.66 -5.84 -17.06
N SER C 57 14.08 -7.03 -16.65
CA SER C 57 13.89 -8.24 -17.43
C SER C 57 12.46 -8.79 -17.35
N PHE C 58 11.70 -8.40 -16.30
CA PHE C 58 10.37 -8.96 -16.09
C PHE C 58 9.50 -8.86 -17.33
N ARG C 59 9.64 -7.77 -18.08
CA ARG C 59 8.82 -7.56 -19.28
C ARG C 59 8.80 -8.80 -20.17
N LEU C 60 9.95 -9.48 -20.28
CA LEU C 60 10.04 -10.68 -21.09
C LEU C 60 8.93 -11.67 -20.72
N VAL C 61 8.89 -12.09 -19.46
CA VAL C 61 7.91 -13.10 -19.08
C VAL C 61 6.51 -12.56 -19.23
N LYS C 62 6.33 -11.23 -19.12
CA LYS C 62 5.02 -10.65 -19.36
C LYS C 62 4.49 -11.02 -20.74
N GLN C 63 5.37 -10.94 -21.76
CA GLN C 63 4.97 -11.38 -23.10
C GLN C 63 4.45 -12.81 -23.08
N HIS C 64 5.16 -13.70 -22.38
CA HIS C 64 4.70 -15.08 -22.25
C HIS C 64 3.27 -15.13 -21.74
N LEU C 65 2.97 -14.32 -20.72
CA LEU C 65 1.61 -14.27 -20.18
C LEU C 65 0.59 -14.04 -21.27
N GLU C 66 0.88 -13.09 -22.17
CA GLU C 66 -0.03 -12.80 -23.28
C GLU C 66 -0.40 -14.08 -24.01
N LEU C 67 0.61 -14.87 -24.40
CA LEU C 67 0.35 -16.13 -25.08
C LEU C 67 -0.62 -16.99 -24.28
N ALA C 68 -0.33 -17.17 -22.99
CA ALA C 68 -1.23 -17.97 -22.16
C ALA C 68 -2.62 -17.36 -22.13
N ALA C 69 -2.71 -16.04 -21.97
CA ALA C 69 -4.00 -15.36 -21.92
C ALA C 69 -4.78 -15.55 -23.21
N ARG C 70 -4.14 -16.00 -24.28
CA ARG C 70 -4.87 -16.19 -25.54
C ARG C 70 -5.57 -17.53 -25.62
N ARG C 71 -5.25 -18.47 -24.73
CA ARG C 71 -5.94 -19.76 -24.83
C ARG C 71 -6.57 -20.15 -23.51
N PHE C 72 -5.91 -19.84 -22.40
CA PHE C 72 -6.36 -20.34 -21.10
C PHE C 72 -7.24 -19.37 -20.33
N PHE C 73 -7.17 -18.07 -20.63
CA PHE C 73 -7.94 -17.09 -19.86
C PHE C 73 -9.42 -17.43 -19.82
N GLU C 74 -10.04 -17.57 -20.99
CA GLU C 74 -11.46 -17.91 -21.05
C GLU C 74 -11.75 -19.33 -20.56
N GLU C 75 -10.72 -20.13 -20.31
CA GLU C 75 -10.88 -21.47 -19.79
C GLU C 75 -10.30 -21.63 -18.39
N GLU C 76 -9.75 -20.56 -17.81
CA GLU C 76 -9.30 -20.61 -16.42
C GLU C 76 -10.51 -20.56 -15.48
N SER C 77 -10.54 -21.50 -14.52
CA SER C 77 -11.67 -21.58 -13.61
C SER C 77 -11.81 -20.32 -12.75
N GLU C 78 -10.73 -19.57 -12.54
CA GLU C 78 -10.79 -18.38 -11.71
C GLU C 78 -11.29 -17.17 -12.48
N ALA C 79 -10.96 -17.08 -13.77
CA ALA C 79 -11.40 -15.93 -14.57
C ALA C 79 -12.93 -15.84 -14.67
N LYS C 80 -13.63 -16.96 -14.49
CA LYS C 80 -15.08 -16.93 -14.45
C LYS C 80 -15.55 -16.13 -13.24
N GLY C 81 -16.58 -15.32 -13.44
CA GLY C 81 -17.07 -14.43 -12.40
C GLY C 81 -16.41 -13.08 -12.36
N LEU C 82 -15.29 -12.90 -13.06
CA LEU C 82 -14.66 -11.59 -13.13
C LEU C 82 -15.46 -10.60 -13.97
N GLY C 83 -16.29 -11.09 -14.90
CA GLY C 83 -16.97 -10.20 -15.82
C GLY C 83 -16.04 -9.45 -16.75
N LEU C 84 -14.82 -9.95 -16.93
CA LEU C 84 -13.80 -9.29 -17.74
C LEU C 84 -13.62 -10.06 -19.04
N SER C 85 -13.70 -9.36 -20.16
CA SER C 85 -13.37 -9.98 -21.43
C SER C 85 -11.86 -10.11 -21.56
N LEU C 86 -11.43 -10.95 -22.50
CA LEU C 86 -10.00 -11.12 -22.76
C LEU C 86 -9.38 -9.80 -23.23
N GLU C 87 -10.12 -9.06 -24.06
CA GLU C 87 -9.66 -7.74 -24.51
C GLU C 87 -9.42 -6.82 -23.32
N LYS C 88 -10.45 -6.61 -22.50
CA LYS C 88 -10.33 -5.74 -21.34
C LYS C 88 -9.34 -6.27 -20.32
N TYR C 89 -9.17 -7.59 -20.27
CA TYR C 89 -8.15 -8.16 -19.38
C TYR C 89 -6.75 -7.74 -19.81
N LEU C 90 -6.38 -8.05 -21.05
CA LEU C 90 -5.04 -7.69 -21.52
C LEU C 90 -4.84 -6.19 -21.65
N GLU C 91 -5.93 -5.41 -21.71
CA GLU C 91 -5.80 -3.96 -21.85
C GLU C 91 -5.08 -3.34 -20.66
N VAL C 92 -5.18 -3.95 -19.48
CA VAL C 92 -4.60 -3.37 -18.28
C VAL C 92 -3.59 -4.34 -17.69
N ALA C 93 -3.76 -5.65 -17.95
CA ALA C 93 -2.85 -6.63 -17.37
C ALA C 93 -1.44 -6.49 -17.93
N MET C 94 -1.32 -6.14 -19.21
CA MET C 94 -0.01 -5.99 -19.84
C MET C 94 0.59 -4.61 -19.63
N CYS C 95 -0.13 -3.70 -18.98
CA CYS C 95 0.42 -2.40 -18.66
C CYS C 95 1.45 -2.52 -17.54
N ASP C 96 2.21 -1.44 -17.33
CA ASP C 96 3.26 -1.45 -16.32
C ASP C 96 2.69 -1.16 -14.94
N ASN C 97 3.35 -1.72 -13.92
CA ASN C 97 3.00 -1.49 -12.51
C ASN C 97 1.58 -1.95 -12.18
N GLU C 98 1.07 -2.94 -12.91
CA GLU C 98 -0.23 -3.52 -12.62
C GLU C 98 -0.05 -4.83 -11.86
N TRP C 99 -0.84 -5.02 -10.82
CA TRP C 99 -0.71 -6.20 -9.98
C TRP C 99 -1.15 -7.46 -10.73
N GLY C 100 -0.51 -8.57 -10.39
CA GLY C 100 -0.85 -9.86 -10.97
C GLY C 100 -0.56 -10.96 -9.99
N GLY C 101 -1.38 -12.01 -10.01
CA GLY C 101 -1.27 -13.04 -8.99
C GLY C 101 -1.55 -14.46 -9.43
N SER C 102 -2.63 -15.04 -8.90
CA SER C 102 -2.85 -16.48 -9.04
C SER C 102 -3.31 -16.83 -10.46
N LEU C 103 -4.15 -15.99 -11.07
CA LEU C 103 -4.62 -16.27 -12.43
C LEU C 103 -3.45 -16.33 -13.41
N GLU C 104 -2.58 -15.30 -13.36
CA GLU C 104 -1.41 -15.28 -14.23
C GLU C 104 -0.48 -16.44 -13.91
N ALA C 105 -0.37 -16.80 -12.64
CA ALA C 105 0.47 -17.93 -12.25
C ALA C 105 -0.02 -19.22 -12.89
N SER C 106 -1.33 -19.47 -12.81
CA SER C 106 -1.90 -20.68 -13.40
C SER C 106 -1.74 -20.68 -14.91
N MET C 107 -1.96 -19.54 -15.56
CA MET C 107 -1.84 -19.49 -17.01
C MET C 107 -0.40 -19.71 -17.46
N LEU C 108 0.56 -19.14 -16.73
CA LEU C 108 1.97 -19.37 -17.08
C LEU C 108 2.39 -20.81 -16.80
N ALA C 109 1.85 -21.41 -15.73
CA ALA C 109 2.18 -22.80 -15.44
C ALA C 109 1.64 -23.72 -16.54
N LYS C 110 0.42 -23.45 -17.02
CA LYS C 110 -0.12 -24.25 -18.11
C LYS C 110 0.68 -24.05 -19.39
N HIS C 111 0.92 -22.79 -19.77
CA HIS C 111 1.52 -22.51 -21.08
C HIS C 111 3.01 -22.84 -21.10
N LEU C 112 3.74 -22.48 -20.06
CA LEU C 112 5.20 -22.59 -20.06
C LEU C 112 5.71 -23.98 -19.66
N ASP C 113 4.83 -24.99 -19.62
CA ASP C 113 5.23 -26.38 -19.40
C ASP C 113 6.01 -26.56 -18.09
N ILE C 114 5.55 -25.89 -17.03
CA ILE C 114 6.18 -25.96 -15.72
C ILE C 114 5.11 -26.03 -14.65
N THR C 115 5.55 -26.07 -13.39
CA THR C 115 4.68 -25.99 -12.23
C THR C 115 5.21 -24.89 -11.32
N ILE C 116 4.29 -24.22 -10.62
CA ILE C 116 4.63 -23.02 -9.85
C ILE C 116 4.01 -23.12 -8.46
N VAL C 117 4.80 -22.84 -7.43
CA VAL C 117 4.32 -22.90 -6.06
C VAL C 117 4.46 -21.53 -5.41
N ILE C 118 3.44 -21.14 -4.64
CA ILE C 118 3.38 -19.85 -3.97
C ILE C 118 3.11 -20.12 -2.49
N TRP C 119 4.04 -19.71 -1.63
CA TRP C 119 3.92 -19.86 -0.19
C TRP C 119 3.51 -18.51 0.39
N VAL C 120 2.27 -18.41 0.86
CA VAL C 120 1.74 -17.17 1.38
C VAL C 120 1.86 -17.19 2.90
N ILE C 121 2.44 -16.13 3.47
CA ILE C 121 2.75 -16.08 4.89
C ILE C 121 1.85 -15.06 5.57
N GLU C 122 1.59 -15.30 6.85
CA GLU C 122 0.81 -14.39 7.69
C GLU C 122 1.66 -13.65 8.70
N GLY C 123 2.66 -14.32 9.29
CA GLY C 123 3.64 -13.67 10.12
C GLY C 123 5.00 -13.67 9.44
N PRO C 124 5.97 -12.96 10.02
CA PRO C 124 7.32 -12.97 9.46
C PRO C 124 7.93 -14.35 9.45
N SER C 125 8.09 -14.93 8.25
CA SER C 125 8.67 -16.26 8.07
C SER C 125 7.82 -17.33 8.74
N ARG C 126 6.55 -17.38 8.36
CA ARG C 126 5.60 -18.34 8.90
C ARG C 126 4.57 -18.66 7.82
N VAL C 127 4.61 -19.88 7.31
CA VAL C 127 3.73 -20.25 6.20
C VAL C 127 2.28 -20.28 6.68
N ALA C 128 1.46 -19.39 6.12
CA ALA C 128 0.02 -19.49 6.35
C ALA C 128 -0.61 -20.51 5.41
N ALA C 129 -0.23 -20.52 4.14
CA ALA C 129 -0.77 -21.48 3.20
C ALA C 129 0.19 -21.63 2.03
N ALA C 130 -0.10 -22.60 1.17
CA ALA C 130 0.68 -22.86 -0.03
C ALA C 130 -0.25 -23.25 -1.16
N VAL C 131 0.07 -22.81 -2.37
CA VAL C 131 -0.73 -23.08 -3.56
C VAL C 131 0.18 -23.57 -4.67
N LYS C 132 -0.28 -24.58 -5.42
CA LYS C 132 0.50 -25.16 -6.50
C LYS C 132 -0.29 -25.12 -7.80
N PHE C 133 0.43 -24.95 -8.91
CA PHE C 133 -0.14 -24.97 -10.24
C PHE C 133 0.64 -25.94 -11.09
N GLY C 134 -0.02 -27.02 -11.52
CA GLY C 134 0.60 -28.07 -12.29
C GLY C 134 1.09 -29.21 -11.42
N PRO C 135 1.29 -30.38 -12.00
CA PRO C 135 1.95 -31.47 -11.27
C PRO C 135 3.46 -31.44 -11.48
N GLY C 136 4.22 -31.30 -10.40
CA GLY C 136 5.67 -31.21 -10.55
C GLY C 136 6.37 -31.26 -9.21
N ASP C 137 7.68 -31.46 -9.28
CA ASP C 137 8.51 -31.51 -8.08
C ASP C 137 8.79 -30.11 -7.57
N VAL C 138 8.72 -29.95 -6.25
CA VAL C 138 9.05 -28.66 -5.63
C VAL C 138 10.51 -28.30 -5.87
N ALA C 139 11.38 -29.31 -5.91
CA ALA C 139 12.79 -29.06 -6.18
C ALA C 139 12.99 -28.41 -7.55
N GLY C 140 12.18 -28.81 -8.53
CA GLY C 140 12.23 -28.25 -9.86
C GLY C 140 11.18 -27.19 -10.13
N ALA C 141 10.44 -26.74 -9.12
CA ALA C 141 9.40 -25.74 -9.30
C ALA C 141 9.94 -24.34 -9.02
N ILE C 142 9.16 -23.34 -9.40
CA ILE C 142 9.47 -21.94 -9.12
C ILE C 142 8.71 -21.52 -7.87
N ASN C 143 9.45 -21.02 -6.88
CA ASN C 143 8.95 -20.77 -5.54
C ASN C 143 8.78 -19.27 -5.32
N LEU C 144 7.53 -18.84 -5.14
CA LEU C 144 7.22 -17.45 -4.83
C LEU C 144 6.81 -17.34 -3.37
N LEU C 145 7.12 -16.18 -2.77
CA LEU C 145 6.79 -15.91 -1.37
C LEU C 145 5.81 -14.75 -1.34
N HIS C 146 4.57 -15.03 -0.95
CA HIS C 146 3.55 -14.00 -0.78
C HIS C 146 3.66 -13.47 0.65
N THR C 147 4.59 -12.53 0.83
CA THR C 147 4.76 -11.87 2.11
C THR C 147 3.73 -10.76 2.25
N GLY C 148 3.04 -10.74 3.39
CA GLY C 148 1.86 -9.92 3.40
C GLY C 148 0.88 -10.47 2.36
N TYR C 149 -0.05 -9.62 1.95
CA TYR C 149 -0.97 -9.96 0.86
C TYR C 149 -0.83 -8.96 -0.29
N ASN C 150 0.38 -8.45 -0.50
CA ASN C 150 0.60 -7.44 -1.52
C ASN C 150 1.97 -7.51 -2.16
N HIS C 151 2.83 -8.48 -1.83
CA HIS C 151 4.19 -8.51 -2.33
C HIS C 151 4.60 -9.95 -2.61
N PHE C 152 5.29 -10.14 -3.74
CA PHE C 152 5.89 -11.41 -4.10
C PHE C 152 7.40 -11.28 -4.09
N ASP C 153 8.07 -12.17 -3.36
CA ASP C 153 9.52 -12.29 -3.39
C ASP C 153 9.90 -13.64 -3.98
N ALA C 154 11.16 -13.78 -4.38
CA ALA C 154 11.62 -15.05 -4.92
C ALA C 154 12.15 -15.93 -3.79
N LEU C 155 12.07 -17.24 -3.98
CA LEU C 155 12.60 -18.20 -3.02
C LEU C 155 13.55 -19.15 -3.74
N ARG C 156 14.85 -18.96 -3.53
CA ARG C 156 15.82 -19.92 -4.03
C ARG C 156 15.91 -21.09 -3.06
N LEU C 157 16.16 -22.27 -3.60
CA LEU C 157 16.21 -23.46 -2.77
C LEU C 157 17.51 -23.50 -1.97
N LEU C 158 17.46 -24.12 -0.79
CA LEU C 158 18.62 -24.28 0.08
C LEU C 158 19.10 -25.72 -0.03
N VAL C 159 19.96 -25.98 -1.02
CA VAL C 159 20.55 -27.29 -1.27
C VAL C 159 19.47 -28.35 -1.48
N ASP D 4 -44.18 -48.25 -18.74
CA ASP D 4 -44.03 -46.99 -18.02
C ASP D 4 -43.43 -47.21 -16.63
N LEU D 5 -43.72 -46.29 -15.71
CA LEU D 5 -43.16 -46.33 -14.36
C LEU D 5 -43.94 -45.35 -13.50
N LYS D 6 -44.41 -45.83 -12.35
CA LYS D 6 -45.17 -45.01 -11.41
C LYS D 6 -44.23 -44.35 -10.42
N VAL D 7 -44.26 -43.02 -10.37
CA VAL D 7 -43.63 -42.28 -9.27
C VAL D 7 -44.75 -41.73 -8.40
N LYS D 8 -44.56 -41.82 -7.09
CA LYS D 8 -45.56 -41.47 -6.09
C LYS D 8 -45.17 -40.15 -5.43
N MET D 9 -46.00 -39.13 -5.67
CA MET D 9 -45.93 -37.83 -5.02
C MET D 9 -46.82 -37.81 -3.77
N LEU D 10 -46.28 -37.23 -2.70
CA LEU D 10 -47.04 -36.96 -1.49
C LEU D 10 -48.33 -36.21 -1.85
N GLY D 11 -49.35 -36.40 -1.03
CA GLY D 11 -50.70 -36.11 -1.44
C GLY D 11 -51.36 -37.26 -2.16
N GLY D 12 -50.63 -38.36 -2.37
CA GLY D 12 -51.16 -39.57 -2.96
C GLY D 12 -51.15 -39.61 -4.47
N GLU D 13 -50.66 -38.59 -5.15
CA GLU D 13 -50.82 -38.53 -6.59
C GLU D 13 -49.63 -39.21 -7.28
N GLU D 14 -49.92 -40.01 -8.29
CA GLU D 14 -48.87 -40.73 -9.00
C GLU D 14 -48.85 -40.30 -10.46
N ILE D 15 -47.63 -40.26 -11.03
CA ILE D 15 -47.49 -39.95 -12.45
C ILE D 15 -46.61 -41.00 -13.10
N LEU D 16 -46.72 -41.09 -14.42
CA LEU D 16 -46.12 -42.15 -15.21
C LEU D 16 -45.00 -41.62 -16.08
N VAL D 17 -43.91 -42.38 -16.14
CA VAL D 17 -42.78 -42.06 -17.01
C VAL D 17 -42.35 -43.33 -17.75
N PRO D 18 -42.27 -43.28 -19.08
CA PRO D 18 -41.82 -44.46 -19.84
C PRO D 18 -40.39 -44.82 -19.48
N LEU D 19 -40.19 -46.09 -19.13
CA LEU D 19 -38.90 -46.57 -18.63
C LEU D 19 -38.04 -47.06 -19.79
N ARG D 20 -36.99 -46.32 -20.13
CA ARG D 20 -36.02 -46.79 -21.11
C ARG D 20 -35.08 -47.81 -20.48
N ASP D 21 -34.38 -48.55 -21.33
CA ASP D 21 -33.51 -49.60 -20.83
C ASP D 21 -32.15 -49.08 -20.40
N SER D 22 -31.68 -48.00 -21.04
CA SER D 22 -30.45 -47.32 -20.63
C SER D 22 -30.73 -45.98 -19.98
N MET D 23 -31.96 -45.76 -19.53
CA MET D 23 -32.32 -44.52 -18.84
C MET D 23 -31.62 -44.44 -17.50
N MET D 24 -31.23 -43.22 -17.12
CA MET D 24 -30.59 -42.96 -15.84
C MET D 24 -31.56 -42.20 -14.94
N VAL D 25 -31.15 -42.02 -13.68
CA VAL D 25 -31.97 -41.25 -12.75
C VAL D 25 -32.01 -39.78 -13.15
N SER D 26 -30.97 -39.31 -13.84
CA SER D 26 -30.92 -37.92 -14.27
C SER D 26 -32.02 -37.60 -15.28
N GLU D 27 -32.25 -38.49 -16.24
CA GLU D 27 -33.34 -38.30 -17.20
C GLU D 27 -34.69 -38.31 -16.49
N LEU D 28 -34.86 -39.21 -15.53
CA LEU D 28 -36.11 -39.26 -14.77
C LEU D 28 -36.37 -37.95 -14.05
N LYS D 29 -35.34 -37.45 -13.35
CA LYS D 29 -35.48 -36.19 -12.62
C LYS D 29 -35.77 -35.03 -13.57
N GLN D 30 -35.07 -34.98 -14.70
CA GLN D 30 -35.28 -33.87 -15.65
C GLN D 30 -36.67 -33.92 -16.25
N PHE D 31 -37.17 -35.13 -16.58
CA PHE D 31 -38.49 -35.24 -17.16
C PHE D 31 -39.56 -34.85 -16.16
N ILE D 32 -39.48 -35.35 -14.92
CA ILE D 32 -40.48 -35.00 -13.93
C ILE D 32 -40.39 -33.51 -13.60
N ALA D 33 -39.20 -32.93 -13.65
CA ALA D 33 -39.03 -31.50 -13.40
C ALA D 33 -39.71 -30.67 -14.48
N GLN D 34 -39.47 -31.01 -15.75
CA GLN D 34 -40.16 -30.35 -16.84
C GLN D 34 -41.66 -30.63 -16.82
N LYS D 35 -42.08 -31.71 -16.15
CA LYS D 35 -43.49 -32.04 -16.03
C LYS D 35 -44.20 -31.14 -15.03
N ILE D 36 -43.61 -30.94 -13.85
CA ILE D 36 -44.28 -30.19 -12.80
C ILE D 36 -43.56 -28.87 -12.48
N ASN D 37 -42.65 -28.43 -13.36
CA ASN D 37 -42.01 -27.12 -13.25
C ASN D 37 -41.27 -26.94 -11.92
N VAL D 38 -40.38 -27.89 -11.63
CA VAL D 38 -39.58 -27.86 -10.40
C VAL D 38 -38.12 -28.06 -10.78
N PRO D 39 -37.16 -27.82 -9.89
CA PRO D 39 -35.77 -28.16 -10.18
C PRO D 39 -35.50 -29.64 -9.97
N ALA D 40 -34.53 -30.16 -10.73
CA ALA D 40 -34.20 -31.58 -10.72
C ALA D 40 -33.25 -31.95 -9.59
N PHE D 41 -32.20 -31.16 -9.37
CA PHE D 41 -31.21 -31.49 -8.34
C PHE D 41 -31.77 -31.46 -6.93
N GLN D 42 -32.99 -30.96 -6.74
CA GLN D 42 -33.62 -30.88 -5.43
C GLN D 42 -34.67 -31.96 -5.21
N GLN D 43 -34.57 -33.07 -5.95
CA GLN D 43 -35.46 -34.21 -5.78
C GLN D 43 -34.67 -35.42 -5.27
N ARG D 44 -35.38 -36.35 -4.66
CA ARG D 44 -34.77 -37.59 -4.16
C ARG D 44 -35.74 -38.74 -4.36
N LEU D 45 -35.39 -39.69 -5.21
CA LEU D 45 -36.24 -40.84 -5.48
C LEU D 45 -35.77 -42.04 -4.67
N ALA D 46 -36.73 -42.87 -4.24
CA ALA D 46 -36.36 -44.02 -3.42
C ALA D 46 -37.33 -45.18 -3.67
N HIS D 47 -36.77 -46.39 -3.62
CA HIS D 47 -37.60 -47.59 -3.63
C HIS D 47 -38.53 -47.60 -2.43
N LEU D 48 -39.83 -47.80 -2.68
CA LEU D 48 -40.81 -47.62 -1.62
C LEU D 48 -40.80 -48.75 -0.60
N ASP D 49 -40.24 -49.90 -0.94
CA ASP D 49 -40.17 -51.01 0.01
C ASP D 49 -38.74 -51.40 0.36
N SER D 50 -37.81 -51.35 -0.59
CA SER D 50 -36.42 -51.67 -0.29
C SER D 50 -35.78 -50.60 0.58
N ARG D 51 -36.24 -49.35 0.48
CA ARG D 51 -35.76 -48.23 1.29
C ARG D 51 -34.26 -48.03 1.17
N GLU D 52 -33.69 -48.41 0.02
CA GLU D 52 -32.28 -48.23 -0.25
C GLU D 52 -32.08 -47.05 -1.20
N VAL D 53 -30.85 -46.53 -1.20
CA VAL D 53 -30.53 -45.36 -2.01
C VAL D 53 -30.53 -45.73 -3.49
N LEU D 54 -31.15 -44.87 -4.30
CA LEU D 54 -31.07 -45.01 -5.75
C LEU D 54 -29.72 -44.48 -6.22
N GLN D 55 -28.92 -45.36 -6.81
CA GLN D 55 -27.57 -44.99 -7.22
C GLN D 55 -27.59 -44.00 -8.39
N GLU D 56 -26.67 -43.05 -8.36
CA GLU D 56 -26.54 -42.08 -9.43
C GLU D 56 -25.68 -42.64 -10.56
N GLY D 57 -26.13 -42.42 -11.80
CA GLY D 57 -25.44 -42.91 -12.96
C GLY D 57 -25.60 -44.38 -13.25
N VAL D 58 -26.10 -45.17 -12.30
CA VAL D 58 -26.36 -46.58 -12.51
C VAL D 58 -27.75 -46.72 -13.11
N PRO D 59 -27.92 -47.45 -14.21
CA PRO D 59 -29.25 -47.56 -14.82
C PRO D 59 -30.22 -48.30 -13.92
N LEU D 60 -31.51 -48.13 -14.22
CA LEU D 60 -32.56 -48.79 -13.45
C LEU D 60 -32.52 -50.30 -13.60
N VAL D 61 -31.64 -50.84 -14.45
CA VAL D 61 -31.53 -52.29 -14.59
C VAL D 61 -31.03 -52.90 -13.29
N HIS D 62 -30.00 -52.30 -12.70
CA HIS D 62 -29.39 -52.86 -11.49
C HIS D 62 -30.31 -52.73 -10.28
N GLN D 63 -31.03 -51.61 -10.18
CA GLN D 63 -31.70 -51.28 -8.92
C GLN D 63 -32.77 -52.30 -8.55
N GLY D 64 -33.50 -52.82 -9.54
CA GLY D 64 -34.47 -53.85 -9.27
C GLY D 64 -35.91 -53.43 -9.50
N LEU D 65 -36.11 -52.57 -10.49
CA LEU D 65 -37.43 -52.07 -10.84
C LEU D 65 -37.69 -52.26 -12.32
N LYS D 66 -38.97 -52.27 -12.68
CA LYS D 66 -39.40 -52.47 -14.05
C LYS D 66 -40.77 -51.80 -14.19
N ALA D 67 -41.38 -51.94 -15.38
CA ALA D 67 -42.71 -51.41 -15.59
C ALA D 67 -43.69 -52.02 -14.60
N GLY D 68 -44.39 -51.16 -13.87
CA GLY D 68 -45.30 -51.62 -12.85
C GLY D 68 -44.86 -51.22 -11.45
N SER D 69 -43.55 -51.26 -11.21
CA SER D 69 -43.01 -50.86 -9.92
C SER D 69 -43.28 -49.39 -9.66
N THR D 70 -43.32 -49.02 -8.38
CA THR D 70 -43.56 -47.65 -7.96
C THR D 70 -42.40 -47.18 -7.11
N ILE D 71 -41.99 -45.93 -7.31
CA ILE D 71 -40.91 -45.32 -6.53
C ILE D 71 -41.41 -44.02 -5.93
N LEU D 72 -40.97 -43.73 -4.70
CA LEU D 72 -41.42 -42.55 -3.97
C LEU D 72 -40.54 -41.35 -4.30
N LEU D 73 -41.19 -40.20 -4.52
CA LEU D 73 -40.48 -38.96 -4.81
C LEU D 73 -40.46 -38.06 -3.58
N MET D 74 -39.29 -37.46 -3.32
CA MET D 74 -39.10 -36.51 -2.23
C MET D 74 -38.75 -35.18 -2.86
N VAL D 75 -39.69 -34.23 -2.79
CA VAL D 75 -39.49 -32.88 -3.28
C VAL D 75 -39.21 -31.99 -2.06
N GLN D 76 -37.94 -31.58 -1.92
CA GLN D 76 -37.51 -30.79 -0.77
C GLN D 76 -37.47 -29.31 -1.14
N ASN D 77 -38.68 -28.77 -1.42
CA ASN D 77 -38.81 -27.39 -1.88
C ASN D 77 -39.98 -26.71 -1.15
N SER D 78 -39.76 -26.40 0.12
CA SER D 78 -40.71 -25.57 0.87
C SER D 78 -39.98 -24.40 1.51
N SER D 79 -39.23 -24.68 2.58
CA SER D 79 -38.50 -23.64 3.31
C SER D 79 -37.49 -24.24 4.28
N ALA D 80 -36.45 -24.89 3.76
CA ALA D 80 -35.46 -25.56 4.59
C ALA D 80 -34.08 -25.41 3.96
N THR D 81 -33.07 -25.90 4.67
CA THR D 81 -31.68 -25.49 4.48
C THR D 81 -30.77 -26.53 5.14
N LEU D 82 -29.63 -26.84 4.52
CA LEU D 82 -28.73 -27.81 5.12
C LEU D 82 -27.38 -27.16 5.37
N ASN D 83 -26.56 -27.82 6.18
CA ASN D 83 -25.27 -27.28 6.56
C ASN D 83 -24.18 -27.77 5.62
N ILE D 84 -23.23 -26.88 5.33
CA ILE D 84 -22.03 -27.19 4.57
C ILE D 84 -20.82 -26.70 5.36
N LEU D 85 -19.65 -27.18 4.95
CA LEU D 85 -18.38 -26.82 5.57
C LEU D 85 -17.54 -26.10 4.52
N VAL D 86 -17.36 -24.80 4.69
CA VAL D 86 -16.53 -24.03 3.78
C VAL D 86 -15.12 -23.99 4.35
N ARG D 87 -14.16 -24.46 3.56
CA ARG D 87 -12.77 -24.51 3.96
C ARG D 87 -12.07 -23.23 3.49
N ASN D 88 -11.52 -22.47 4.44
CA ASN D 88 -10.70 -21.33 4.11
C ASN D 88 -9.36 -21.78 3.53
N ASP D 89 -8.48 -20.78 3.32
CA ASP D 89 -7.15 -21.07 2.82
C ASP D 89 -6.28 -21.70 3.90
N LYS D 90 -6.38 -21.21 5.13
CA LYS D 90 -5.55 -21.70 6.24
C LYS D 90 -5.92 -23.11 6.67
N GLY D 91 -7.08 -23.63 6.24
CA GLY D 91 -7.44 -25.02 6.44
C GLY D 91 -8.65 -25.25 7.31
N ARG D 92 -8.94 -24.33 8.23
CA ARG D 92 -10.02 -24.53 9.20
C ARG D 92 -11.36 -24.34 8.49
N SER D 93 -12.10 -25.43 8.32
CA SER D 93 -13.42 -25.35 7.74
C SER D 93 -14.40 -24.78 8.76
N SER D 94 -15.14 -23.74 8.36
CA SER D 94 -16.21 -23.20 9.19
C SER D 94 -17.56 -23.64 8.63
N SER D 95 -18.49 -23.91 9.53
CA SER D 95 -19.80 -24.41 9.13
C SER D 95 -20.72 -23.27 8.72
N TYR D 96 -21.68 -23.59 7.86
CA TYR D 96 -22.69 -22.64 7.41
C TYR D 96 -23.99 -23.39 7.19
N GLU D 97 -25.11 -22.68 7.32
CA GLU D 97 -26.41 -23.18 6.92
C GLU D 97 -26.83 -22.47 5.65
N VAL D 98 -26.98 -23.22 4.57
CA VAL D 98 -27.24 -22.67 3.25
C VAL D 98 -28.42 -23.40 2.63
N GLN D 99 -29.25 -22.67 1.89
CA GLN D 99 -30.38 -23.23 1.17
C GLN D 99 -29.97 -23.55 -0.26
N LEU D 100 -30.64 -24.55 -0.85
CA LEU D 100 -30.43 -24.92 -2.23
C LEU D 100 -31.11 -23.97 -3.21
N THR D 101 -32.00 -23.11 -2.74
CA THR D 101 -32.69 -22.17 -3.60
C THR D 101 -32.00 -20.82 -3.70
N GLN D 102 -31.10 -20.51 -2.78
CA GLN D 102 -30.39 -19.24 -2.84
C GLN D 102 -29.23 -19.32 -3.84
N THR D 103 -28.73 -18.15 -4.22
CA THR D 103 -27.61 -18.06 -5.13
C THR D 103 -26.29 -18.16 -4.36
N VAL D 104 -25.20 -18.32 -5.11
CA VAL D 104 -23.88 -18.41 -4.50
C VAL D 104 -23.46 -17.08 -3.90
N ALA D 105 -24.07 -15.97 -4.34
CA ALA D 105 -23.75 -14.67 -3.77
C ALA D 105 -24.10 -14.61 -2.29
N VAL D 106 -25.18 -15.28 -1.88
CA VAL D 106 -25.54 -15.29 -0.46
C VAL D 106 -24.52 -16.06 0.36
N LEU D 107 -24.00 -17.16 -0.20
CA LEU D 107 -22.94 -17.89 0.49
C LEU D 107 -21.66 -17.06 0.56
N LYS D 108 -21.38 -16.29 -0.50
CA LYS D 108 -20.23 -15.40 -0.46
C LYS D 108 -20.40 -14.33 0.60
N GLN D 109 -21.63 -13.84 0.79
CA GLN D 109 -21.88 -12.88 1.87
C GLN D 109 -21.70 -13.53 3.23
N GLN D 110 -22.17 -14.78 3.38
CA GLN D 110 -21.97 -15.51 4.63
C GLN D 110 -20.50 -15.64 4.97
N VAL D 111 -19.68 -16.05 3.98
CA VAL D 111 -18.26 -16.21 4.24
C VAL D 111 -17.55 -14.86 4.37
N CYS D 112 -18.10 -13.79 3.79
CA CYS D 112 -17.53 -12.47 4.00
C CYS D 112 -17.81 -11.95 5.39
N GLN D 113 -18.94 -12.33 5.98
CA GLN D 113 -19.21 -11.95 7.37
C GLN D 113 -18.41 -12.80 8.34
N ARG D 114 -18.33 -14.12 8.11
CA ARG D 114 -17.61 -14.97 9.04
C ARG D 114 -16.10 -14.76 8.94
N GLU D 115 -15.59 -14.56 7.73
CA GLU D 115 -14.19 -14.22 7.51
C GLU D 115 -14.15 -12.83 6.90
N ARG D 116 -13.57 -11.88 7.63
CA ARG D 116 -13.57 -10.48 7.21
C ARG D 116 -12.71 -10.32 5.98
N VAL D 117 -13.34 -10.20 4.81
CA VAL D 117 -12.65 -10.11 3.53
C VAL D 117 -13.66 -9.67 2.46
N GLN D 118 -13.21 -8.84 1.52
CA GLN D 118 -14.09 -8.39 0.45
C GLN D 118 -14.55 -9.57 -0.40
N ALA D 119 -15.69 -9.38 -1.07
CA ALA D 119 -16.27 -10.46 -1.87
C ALA D 119 -15.35 -10.83 -3.03
N ASP D 120 -14.76 -9.84 -3.69
CA ASP D 120 -13.92 -10.06 -4.86
C ASP D 120 -12.48 -10.36 -4.48
N GLN D 121 -12.29 -11.27 -3.53
CA GLN D 121 -10.96 -11.70 -3.15
C GLN D 121 -10.79 -13.22 -3.14
N PHE D 122 -11.83 -13.98 -3.47
CA PHE D 122 -11.72 -15.42 -3.60
C PHE D 122 -12.86 -15.93 -4.46
N TRP D 123 -12.86 -17.23 -4.71
CA TRP D 123 -13.95 -17.91 -5.39
C TRP D 123 -14.17 -19.27 -4.74
N LEU D 124 -15.39 -19.77 -4.85
CA LEU D 124 -15.76 -21.05 -4.26
C LEU D 124 -15.66 -22.14 -5.31
N SER D 125 -15.22 -23.33 -4.87
CA SER D 125 -15.11 -24.48 -5.76
C SER D 125 -15.62 -25.72 -5.05
N PHE D 126 -16.05 -26.69 -5.85
CA PHE D 126 -16.57 -27.95 -5.33
C PHE D 126 -16.14 -29.08 -6.25
N GLU D 127 -15.54 -30.11 -5.65
CA GLU D 127 -15.15 -31.37 -6.29
C GLU D 127 -14.58 -31.20 -7.69
N GLY D 128 -13.81 -30.13 -7.91
CA GLY D 128 -13.11 -29.92 -9.16
C GLY D 128 -13.74 -28.93 -10.11
N LYS D 129 -14.99 -28.52 -9.87
CA LYS D 129 -15.67 -27.61 -10.78
C LYS D 129 -15.94 -26.28 -10.08
N PRO D 130 -15.54 -25.16 -10.68
CA PRO D 130 -15.80 -23.86 -10.05
C PRO D 130 -17.28 -23.54 -10.02
N MET D 131 -17.67 -22.72 -9.04
CA MET D 131 -19.06 -22.38 -8.80
C MET D 131 -19.33 -20.96 -9.28
N ASP D 132 -20.33 -20.81 -10.13
CA ASP D 132 -20.67 -19.52 -10.72
C ASP D 132 -21.49 -18.68 -9.74
N ASP D 133 -21.21 -17.37 -9.71
CA ASP D 133 -21.82 -16.50 -8.72
C ASP D 133 -23.31 -16.32 -8.91
N GLU D 134 -23.84 -16.56 -10.11
CA GLU D 134 -25.26 -16.34 -10.38
C GLU D 134 -26.08 -17.63 -10.37
N HIS D 135 -25.45 -18.77 -10.65
CA HIS D 135 -26.19 -20.02 -10.67
C HIS D 135 -26.59 -20.44 -9.27
N PRO D 136 -27.72 -21.13 -9.11
CA PRO D 136 -28.10 -21.63 -7.79
C PRO D 136 -27.12 -22.67 -7.28
N LEU D 137 -27.14 -22.86 -5.96
CA LEU D 137 -26.19 -23.78 -5.33
C LEU D 137 -26.58 -25.24 -5.50
N GLY D 138 -27.88 -25.54 -5.53
CA GLY D 138 -28.34 -26.91 -5.69
C GLY D 138 -27.82 -27.60 -6.93
N GLU D 139 -27.33 -26.84 -7.91
CA GLU D 139 -26.76 -27.44 -9.12
C GLU D 139 -25.54 -28.28 -8.79
N TYR D 140 -24.84 -27.97 -7.71
CA TYR D 140 -23.57 -28.62 -7.40
C TYR D 140 -23.71 -29.81 -6.47
N GLY D 141 -24.91 -30.12 -6.00
CA GLY D 141 -25.15 -31.30 -5.18
C GLY D 141 -24.48 -31.23 -3.83
N LEU D 142 -24.73 -30.17 -3.07
CA LEU D 142 -24.11 -29.98 -1.76
C LEU D 142 -24.72 -30.95 -0.77
N THR D 143 -23.97 -32.00 -0.41
CA THR D 143 -24.38 -32.93 0.62
C THR D 143 -23.96 -32.43 1.99
N THR D 144 -24.55 -33.02 3.02
CA THR D 144 -24.28 -32.58 4.39
C THR D 144 -22.83 -32.86 4.77
N GLY D 145 -22.14 -31.83 5.25
CA GLY D 145 -20.76 -31.97 5.66
C GLY D 145 -19.74 -31.96 4.54
N CYS D 146 -20.13 -31.50 3.35
CA CYS D 146 -19.20 -31.46 2.23
C CYS D 146 -18.23 -30.29 2.39
N THR D 147 -17.00 -30.50 1.92
CA THR D 147 -15.93 -29.52 2.06
C THR D 147 -15.88 -28.67 0.79
N VAL D 148 -16.60 -27.56 0.82
CA VAL D 148 -16.57 -26.60 -0.29
C VAL D 148 -15.36 -25.70 -0.11
N PHE D 149 -14.48 -25.70 -1.11
CA PHE D 149 -13.22 -24.99 -0.98
C PHE D 149 -13.39 -23.51 -1.28
N MET D 150 -12.69 -22.67 -0.51
CA MET D 150 -12.61 -21.24 -0.76
C MET D 150 -11.18 -20.93 -1.16
N ASN D 151 -11.01 -20.34 -2.36
CA ASN D 151 -9.69 -20.15 -2.96
C ASN D 151 -9.47 -18.67 -3.19
N LEU D 152 -8.53 -18.10 -2.44
CA LEU D 152 -8.22 -16.68 -2.56
C LEU D 152 -7.67 -16.35 -3.94
N ARG D 153 -7.90 -15.10 -4.37
CA ARG D 153 -7.39 -14.65 -5.66
C ARG D 153 -5.88 -14.41 -5.62
N LEU D 154 -5.31 -14.18 -4.44
CA LEU D 154 -3.87 -14.03 -4.25
C LEU D 154 -3.27 -13.02 -5.24
N ARG D 155 -3.95 -11.89 -5.40
CA ARG D 155 -3.46 -10.83 -6.26
C ARG D 155 -2.43 -10.01 -5.48
N GLY D 156 -1.17 -10.09 -5.91
CA GLY D 156 -0.10 -9.39 -5.22
C GLY D 156 0.63 -8.38 -6.07
#